data_6AYY
#
_entry.id   6AYY
#
_cell.length_a   131.541
_cell.length_b   131.541
_cell.length_c   144.352
_cell.angle_alpha   90.00
_cell.angle_beta   90.00
_cell.angle_gamma   120.00
#
_symmetry.space_group_name_H-M   'P 61 2 2'
#
loop_
_entity.id
_entity.type
_entity.pdbx_description
1 polymer 'Fructose-1,6-bisphosphatase class 2'
2 non-polymer GLYCEROL
3 non-polymer 'UNKNOWN ATOM OR ION'
4 non-polymer 'CITRIC ACID'
5 water water
#
_entity_poly.entity_id   1
_entity_poly.type   'polypeptide(L)'
_entity_poly.pdbx_seq_one_letter_code
;GSSHHHHHHSSGLVPRGSHMELVRVTEAGAMAAGRWVGRGDKEGGDGAAVDAMRELVNSVSMRGVVVIGEGEKDHAPMLY
NGEEVGNGDGPECDFAVDPIDGTTLMSKGMTNAISVLAVADRGTMFDPSAVFYMNKIAVGPDAAHVLDITAPISENIRAV
AKVKDLSVRDMTVCILDRPRHAQLIHDVRATGARIRLITDGDVAGAISACRPHSGTDLLAGIGGTPEGIIAAAAIRCMGG
AIQAQLAPRDDAERRKALEAGYDLNQVLTTEDLVSGENVFFCATGVTDGDLLKGVRYYPGGCTTHSIVMRSKSGTVRMIE
AYHRLSKLNEYSAIDFTGDSSAVYPLP
;
_entity_poly.pdbx_strand_id   A,B
#
# COMPACT_ATOMS: atom_id res chain seq x y z
N HIS A 19 -8.90 28.43 -0.69
CA HIS A 19 -10.28 28.13 -0.37
C HIS A 19 -10.53 26.63 -0.47
N MET A 20 -11.46 26.14 0.35
CA MET A 20 -11.77 24.72 0.34
C MET A 20 -12.23 24.24 -1.04
N GLU A 21 -12.83 25.12 -1.84
CA GLU A 21 -13.21 24.79 -3.22
C GLU A 21 -12.09 24.15 -4.04
N LEU A 22 -10.83 24.49 -3.74
CA LEU A 22 -9.74 23.93 -4.51
C LEU A 22 -9.64 22.41 -4.39
N VAL A 23 -10.15 21.83 -3.29
CA VAL A 23 -10.15 20.37 -3.16
C VAL A 23 -10.88 19.70 -4.32
N ARG A 24 -11.89 20.38 -4.90
CA ARG A 24 -12.57 19.83 -6.06
C ARG A 24 -11.65 19.66 -7.25
N VAL A 25 -10.58 20.44 -7.34
CA VAL A 25 -9.59 20.21 -8.40
C VAL A 25 -8.92 18.84 -8.21
N THR A 26 -8.39 18.57 -7.00
CA THR A 26 -7.74 17.27 -6.84
C THR A 26 -8.78 16.14 -6.80
N GLU A 27 -9.99 16.41 -6.29
CA GLU A 27 -11.04 15.40 -6.35
C GLU A 27 -11.32 14.99 -7.80
N ALA A 28 -11.37 15.96 -8.71
CA ALA A 28 -11.62 15.62 -10.12
C ALA A 28 -10.43 14.88 -10.72
N GLY A 29 -9.21 15.29 -10.37
CA GLY A 29 -8.04 14.59 -10.90
C GLY A 29 -7.98 13.15 -10.43
N ALA A 30 -8.27 12.92 -9.14
CA ALA A 30 -8.30 11.56 -8.62
C ALA A 30 -9.36 10.73 -9.31
N MET A 31 -10.58 11.28 -9.45
CA MET A 31 -11.67 10.49 -10.03
C MET A 31 -11.36 10.14 -11.49
N ALA A 32 -10.78 11.08 -12.25
CA ALA A 32 -10.41 10.75 -13.63
C ALA A 32 -9.35 9.65 -13.64
N ALA A 33 -8.34 9.74 -12.75
CA ALA A 33 -7.27 8.75 -12.73
C ALA A 33 -7.76 7.40 -12.22
N GLY A 34 -8.77 7.43 -11.34
CA GLY A 34 -9.34 6.20 -10.83
C GLY A 34 -9.71 5.22 -11.92
N ARG A 35 -10.24 5.72 -13.03
CA ARG A 35 -10.63 4.81 -14.10
C ARG A 35 -9.47 4.23 -14.87
N TRP A 36 -8.24 4.63 -14.55
CA TRP A 36 -7.06 4.06 -15.19
C TRP A 36 -6.22 3.23 -14.23
N VAL A 37 -6.64 3.12 -12.97
CA VAL A 37 -5.84 2.35 -12.02
C VAL A 37 -5.65 0.93 -12.52
N GLY A 38 -4.40 0.50 -12.56
CA GLY A 38 -4.03 -0.83 -12.98
C GLY A 38 -4.10 -1.08 -14.46
N ARG A 39 -4.53 -0.12 -15.28
CA ARG A 39 -4.81 -0.38 -16.68
C ARG A 39 -3.56 -0.26 -17.59
N GLY A 40 -2.36 -0.17 -17.01
CA GLY A 40 -1.11 -0.18 -17.77
C GLY A 40 -0.90 0.95 -18.77
N ASP A 41 -1.66 2.02 -18.69
CA ASP A 41 -1.57 3.13 -19.63
C ASP A 41 -1.28 4.41 -18.82
N LYS A 42 0.01 4.77 -18.75
CA LYS A 42 0.45 5.99 -18.05
C LYS A 42 -0.13 7.25 -18.69
N GLU A 43 -0.07 7.35 -20.02
CA GLU A 43 -0.52 8.57 -20.69
C GLU A 43 -2.02 8.72 -20.61
N GLY A 44 -2.76 7.61 -20.80
CA GLY A 44 -4.19 7.66 -20.56
C GLY A 44 -4.54 8.23 -19.21
N GLY A 45 -3.86 7.76 -18.16
CA GLY A 45 -4.13 8.26 -16.82
C GLY A 45 -3.77 9.71 -16.63
N ASP A 46 -2.58 10.12 -17.08
CA ASP A 46 -2.18 11.53 -16.98
C ASP A 46 -3.15 12.44 -17.72
N GLY A 47 -3.48 12.11 -18.97
CA GLY A 47 -4.37 12.97 -19.73
C GLY A 47 -5.70 13.18 -19.04
N ALA A 48 -6.29 12.08 -18.56
CA ALA A 48 -7.58 12.15 -17.86
C ALA A 48 -7.49 13.10 -16.67
N ALA A 49 -6.49 12.91 -15.82
CA ALA A 49 -6.34 13.75 -14.65
C ALA A 49 -6.06 15.20 -15.03
N VAL A 50 -5.10 15.42 -15.94
CA VAL A 50 -4.77 16.78 -16.38
C VAL A 50 -6.02 17.48 -16.91
N ASP A 51 -6.80 16.80 -17.74
CA ASP A 51 -7.97 17.42 -18.34
C ASP A 51 -9.05 17.72 -17.32
N ALA A 52 -9.32 16.78 -16.41
CA ALA A 52 -10.33 17.03 -15.37
C ALA A 52 -9.88 18.14 -14.44
N MET A 53 -8.58 18.22 -14.16
CA MET A 53 -8.13 19.26 -13.25
C MET A 53 -8.25 20.63 -13.88
N ARG A 54 -7.91 20.75 -15.16
CA ARG A 54 -7.94 22.06 -15.78
C ARG A 54 -9.37 22.55 -15.98
N GLU A 55 -10.27 21.67 -16.43
CA GLU A 55 -11.66 22.06 -16.57
C GLU A 55 -12.20 22.60 -15.25
N LEU A 56 -11.85 21.95 -14.15
CA LEU A 56 -12.39 22.38 -12.87
C LEU A 56 -11.64 23.57 -12.29
N VAL A 57 -10.37 23.78 -12.65
CA VAL A 57 -9.66 24.91 -12.07
C VAL A 57 -10.06 26.20 -12.76
N ASN A 58 -10.35 26.14 -14.05
CA ASN A 58 -10.85 27.32 -14.76
C ASN A 58 -12.27 27.68 -14.35
N SER A 59 -12.81 26.96 -13.37
CA SER A 59 -14.12 27.26 -12.83
C SER A 59 -14.07 27.83 -11.42
N VAL A 60 -12.91 27.78 -10.76
CA VAL A 60 -12.77 28.33 -9.40
C VAL A 60 -12.42 29.82 -9.49
N SER A 61 -12.97 30.59 -8.55
CA SER A 61 -12.59 31.99 -8.35
C SER A 61 -11.08 32.14 -8.14
N MET A 62 -10.34 32.37 -9.23
CA MET A 62 -8.88 32.35 -9.09
C MET A 62 -8.24 32.91 -10.35
N ARG A 63 -7.10 33.55 -10.18
CA ARG A 63 -6.28 34.09 -11.26
C ARG A 63 -4.89 33.51 -11.08
N GLY A 64 -4.50 32.57 -11.92
CA GLY A 64 -3.30 31.82 -11.68
C GLY A 64 -2.42 31.70 -12.91
N VAL A 65 -1.15 31.46 -12.66
CA VAL A 65 -0.20 31.10 -13.70
C VAL A 65 0.41 29.76 -13.31
N VAL A 66 0.50 28.85 -14.28
CA VAL A 66 1.07 27.54 -14.00
C VAL A 66 2.58 27.70 -13.90
N VAL A 67 3.09 27.59 -12.67
CA VAL A 67 4.52 27.53 -12.42
C VAL A 67 5.05 26.10 -12.47
N ILE A 68 4.37 25.14 -11.83
CA ILE A 68 4.76 23.74 -11.89
C ILE A 68 3.61 22.94 -12.51
N GLY A 69 3.88 22.27 -13.61
CA GLY A 69 2.83 21.57 -14.32
C GLY A 69 3.39 20.47 -15.19
N GLU A 70 2.81 20.30 -16.37
CA GLU A 70 3.21 19.20 -17.25
C GLU A 70 4.48 19.48 -18.04
N GLY A 71 5.03 20.69 -17.97
CA GLY A 71 6.20 21.03 -18.75
C GLY A 71 5.98 22.23 -19.64
N GLU A 72 6.83 22.41 -20.66
CA GLU A 72 6.72 23.61 -21.47
C GLU A 72 5.73 23.41 -22.61
N LYS A 73 5.46 24.52 -23.31
CA LYS A 73 4.22 24.68 -24.07
C LYS A 73 4.02 23.64 -25.17
N ASP A 74 5.10 23.21 -25.82
CA ASP A 74 4.95 22.47 -27.08
C ASP A 74 4.37 21.06 -26.89
N HIS A 75 5.19 20.14 -26.39
CA HIS A 75 4.78 18.75 -26.21
C HIS A 75 4.29 18.52 -24.78
N ALA A 76 3.54 19.51 -24.29
CA ALA A 76 2.72 19.48 -23.09
C ALA A 76 1.61 20.51 -23.28
N PRO A 77 0.54 20.18 -24.01
CA PRO A 77 -0.44 21.19 -24.41
C PRO A 77 -1.44 21.58 -23.34
N MET A 78 -1.37 21.02 -22.13
CA MET A 78 -2.36 21.30 -21.10
C MET A 78 -1.67 21.43 -19.76
N LEU A 79 -1.97 22.51 -19.05
CA LEU A 79 -1.29 22.86 -17.81
C LEU A 79 0.23 22.92 -18.03
N TYR A 80 0.64 23.54 -19.13
CA TYR A 80 2.03 23.81 -19.42
C TYR A 80 2.52 24.99 -18.60
N ASN A 81 3.82 24.97 -18.26
CA ASN A 81 4.41 26.03 -17.46
C ASN A 81 4.29 27.38 -18.17
N GLY A 82 3.48 28.27 -17.62
CA GLY A 82 3.16 29.55 -18.22
C GLY A 82 1.68 29.83 -18.36
N GLU A 83 0.88 28.78 -18.49
CA GLU A 83 -0.54 28.93 -18.83
C GLU A 83 -1.32 29.62 -17.71
N GLU A 84 -2.40 30.32 -18.10
CA GLU A 84 -3.33 30.97 -17.19
C GLU A 84 -4.47 30.04 -16.82
N VAL A 85 -4.94 30.14 -15.57
CA VAL A 85 -5.94 29.22 -15.02
C VAL A 85 -6.85 29.99 -14.06
N GLY A 86 -8.08 29.49 -13.92
CA GLY A 86 -9.07 30.11 -13.07
C GLY A 86 -10.08 30.94 -13.86
N ASN A 87 -11.19 31.27 -13.19
CA ASN A 87 -12.33 31.92 -13.85
C ASN A 87 -11.98 33.30 -14.40
N GLY A 88 -10.94 33.95 -13.87
CA GLY A 88 -10.50 35.24 -14.37
C GLY A 88 -10.35 36.27 -13.28
N ASP A 89 -11.16 36.13 -12.23
CA ASP A 89 -11.23 37.05 -11.10
C ASP A 89 -10.27 36.62 -9.99
N GLY A 90 -9.93 37.57 -9.14
CA GLY A 90 -9.08 37.31 -8.00
C GLY A 90 -7.67 37.85 -8.20
N PRO A 91 -6.90 37.93 -7.12
CA PRO A 91 -5.49 38.29 -7.25
C PRO A 91 -4.73 37.19 -7.97
N GLU A 92 -3.62 37.57 -8.61
CA GLU A 92 -2.82 36.59 -9.31
C GLU A 92 -1.95 35.81 -8.33
N CYS A 93 -1.69 34.54 -8.64
CA CYS A 93 -0.96 33.70 -7.71
C CYS A 93 -0.29 32.54 -8.44
N ASP A 94 0.69 31.97 -7.75
CA ASP A 94 1.44 30.85 -8.30
C ASP A 94 0.63 29.57 -8.17
N PHE A 95 0.71 28.75 -9.20
CA PHE A 95 -0.12 27.56 -9.30
C PHE A 95 0.77 26.36 -9.61
N ALA A 96 0.79 25.37 -8.73
CA ALA A 96 1.55 24.14 -8.96
C ALA A 96 0.59 22.95 -8.93
N VAL A 97 0.81 22.03 -9.86
CA VAL A 97 -0.11 20.92 -10.08
C VAL A 97 0.70 19.69 -10.44
N ASP A 98 0.42 18.57 -9.77
CA ASP A 98 0.96 17.27 -10.16
C ASP A 98 -0.26 16.36 -10.28
N PRO A 99 -0.83 16.25 -11.49
CA PRO A 99 -2.13 15.57 -11.62
C PRO A 99 -2.12 14.14 -11.14
N ILE A 100 -1.01 13.41 -11.29
CA ILE A 100 -0.78 12.13 -10.60
C ILE A 100 0.67 12.04 -10.15
N ASP A 101 0.91 12.19 -8.84
CA ASP A 101 2.23 11.97 -8.29
C ASP A 101 2.40 10.47 -8.13
N GLY A 102 3.11 9.84 -9.08
CA GLY A 102 3.19 8.40 -9.12
C GLY A 102 2.39 7.80 -10.26
N THR A 103 2.64 8.30 -11.48
CA THR A 103 1.90 7.81 -12.65
C THR A 103 2.09 6.30 -12.82
N THR A 104 3.32 5.81 -12.65
CA THR A 104 3.55 4.38 -12.78
C THR A 104 2.82 3.60 -11.69
N LEU A 105 2.76 4.14 -10.46
CA LEU A 105 1.98 3.49 -9.40
C LEU A 105 0.53 3.36 -9.83
N MET A 106 -0.03 4.44 -10.35
CA MET A 106 -1.39 4.42 -10.86
C MET A 106 -1.55 3.37 -11.95
N SER A 107 -0.68 3.39 -12.96
CA SER A 107 -0.83 2.49 -14.11
C SER A 107 -0.77 1.03 -13.71
N LYS A 108 -0.11 0.70 -12.61
CA LYS A 108 0.01 -0.69 -12.18
C LYS A 108 -0.89 -1.01 -10.99
N GLY A 109 -1.67 -0.06 -10.52
CA GLY A 109 -2.55 -0.34 -9.41
C GLY A 109 -1.83 -0.49 -8.09
N MET A 110 -0.67 0.13 -7.95
CA MET A 110 0.12 0.05 -6.73
C MET A 110 -0.21 1.23 -5.80
N THR A 111 0.20 1.12 -4.54
CA THR A 111 -0.19 2.08 -3.51
C THR A 111 0.51 3.43 -3.65
N ASN A 112 -0.12 4.44 -3.05
CA ASN A 112 0.45 5.75 -2.71
C ASN A 112 0.42 6.76 -3.85
N ALA A 113 -0.42 6.58 -4.86
CA ALA A 113 -0.58 7.58 -5.91
C ALA A 113 -1.57 8.65 -5.45
N ILE A 114 -1.23 9.92 -5.68
CA ILE A 114 -2.09 11.03 -5.27
C ILE A 114 -2.14 12.07 -6.37
N SER A 115 -3.19 12.88 -6.32
CA SER A 115 -3.34 14.03 -7.20
C SER A 115 -3.22 15.28 -6.33
N VAL A 116 -2.42 16.26 -6.80
CA VAL A 116 -1.79 17.27 -5.93
C VAL A 116 -1.86 18.64 -6.55
N LEU A 117 -2.21 19.62 -5.73
CA LEU A 117 -2.29 21.00 -6.14
C LEU A 117 -1.79 21.89 -5.00
N ALA A 118 -1.06 22.95 -5.38
CA ALA A 118 -0.60 23.96 -4.43
C ALA A 118 -0.71 25.34 -5.06
N VAL A 119 -1.05 26.32 -4.25
CA VAL A 119 -1.24 27.69 -4.69
C VAL A 119 -0.47 28.59 -3.74
N ALA A 120 0.18 29.62 -4.28
CA ALA A 120 0.93 30.56 -3.46
C ALA A 120 0.97 31.91 -4.15
N ASP A 121 1.43 32.92 -3.43
CA ASP A 121 1.49 34.27 -3.97
C ASP A 121 2.26 34.30 -5.28
N ARG A 122 1.80 35.13 -6.21
CA ARG A 122 2.38 35.14 -7.54
C ARG A 122 3.87 35.45 -7.47
N GLY A 123 4.68 34.64 -8.17
CA GLY A 123 6.12 34.78 -8.18
C GLY A 123 6.84 34.20 -6.99
N THR A 124 6.14 33.62 -6.02
CA THR A 124 6.80 33.20 -4.79
C THR A 124 7.24 31.73 -4.80
N MET A 125 7.03 31.00 -5.88
CA MET A 125 7.51 29.63 -5.99
C MET A 125 8.85 29.57 -6.71
N PHE A 126 9.74 28.73 -6.18
CA PHE A 126 11.05 28.48 -6.80
C PHE A 126 10.89 28.08 -8.25
N ASP A 127 11.92 28.35 -9.05
CA ASP A 127 11.87 27.98 -10.48
C ASP A 127 12.09 26.47 -10.59
N PRO A 128 11.09 25.71 -11.03
CA PRO A 128 11.24 24.24 -11.07
C PRO A 128 12.19 23.76 -12.12
N SER A 129 12.61 24.62 -13.04
CA SER A 129 13.45 24.16 -14.13
C SER A 129 14.93 24.41 -13.91
N ALA A 130 15.30 25.12 -12.84
CA ALA A 130 16.69 25.30 -12.45
C ALA A 130 17.53 24.05 -12.68
N VAL A 131 17.12 22.94 -12.08
CA VAL A 131 17.77 21.66 -12.28
C VAL A 131 16.71 20.58 -12.03
N PHE A 132 16.86 19.44 -12.69
CA PHE A 132 15.80 18.42 -12.58
C PHE A 132 15.65 17.90 -11.15
N TYR A 133 16.76 17.64 -10.47
CA TYR A 133 16.75 16.91 -9.21
C TYR A 133 17.22 17.77 -8.04
N MET A 134 16.84 17.37 -6.83
CA MET A 134 17.39 18.00 -5.64
C MET A 134 17.47 17.01 -4.48
N ASN A 135 18.54 17.15 -3.69
CA ASN A 135 18.66 16.41 -2.45
C ASN A 135 17.74 17.03 -1.41
N LYS A 136 17.01 16.20 -0.68
CA LYS A 136 16.03 16.71 0.26
C LYS A 136 16.17 15.96 1.57
N ILE A 137 15.89 16.67 2.66
CA ILE A 137 15.63 16.06 3.96
C ILE A 137 14.47 16.83 4.56
N ALA A 138 13.54 16.11 5.21
CA ALA A 138 12.37 16.78 5.76
C ALA A 138 11.96 16.12 7.05
N VAL A 139 11.45 16.93 7.99
CA VAL A 139 11.07 16.48 9.32
C VAL A 139 9.85 17.28 9.78
N GLY A 140 9.06 16.68 10.69
CA GLY A 140 7.93 17.36 11.24
C GLY A 140 8.34 18.52 12.14
N PRO A 141 7.35 19.17 12.74
CA PRO A 141 7.62 20.44 13.45
C PRO A 141 8.52 20.31 14.67
N ASP A 142 8.37 19.24 15.47
CA ASP A 142 9.09 19.16 16.74
C ASP A 142 10.62 19.13 16.58
N ALA A 143 11.13 18.74 15.41
CA ALA A 143 12.57 18.77 15.16
C ALA A 143 12.88 19.63 13.95
N ALA A 144 12.00 20.60 13.64
CA ALA A 144 12.14 21.41 12.44
C ALA A 144 13.43 22.23 12.44
N HIS A 145 14.09 22.39 13.58
CA HIS A 145 15.21 23.32 13.69
C HIS A 145 16.55 22.61 13.94
N VAL A 146 16.62 21.29 13.81
CA VAL A 146 17.87 20.57 14.06
C VAL A 146 18.41 19.91 12.80
N LEU A 147 17.84 20.21 11.63
CA LEU A 147 18.20 19.56 10.37
C LEU A 147 19.41 20.21 9.76
N ASP A 148 20.22 19.39 9.08
CA ASP A 148 21.33 19.93 8.28
C ASP A 148 21.60 18.95 7.15
N ILE A 149 21.21 19.34 5.92
CA ILE A 149 21.34 18.47 4.75
C ILE A 149 22.81 18.25 4.38
N THR A 150 23.71 19.13 4.81
CA THR A 150 25.12 18.98 4.46
C THR A 150 25.80 17.91 5.29
N ALA A 151 25.22 17.52 6.43
CA ALA A 151 25.78 16.52 7.31
C ALA A 151 25.38 15.12 6.86
N PRO A 152 26.11 14.08 7.27
CA PRO A 152 25.70 12.71 6.93
C PRO A 152 24.34 12.39 7.54
N ILE A 153 23.67 11.41 6.94
CA ILE A 153 22.32 11.06 7.40
C ILE A 153 22.34 10.65 8.87
N SER A 154 23.40 9.95 9.32
CA SER A 154 23.50 9.51 10.71
C SER A 154 23.39 10.66 11.70
N GLU A 155 24.12 11.76 11.47
CA GLU A 155 24.01 12.90 12.39
C GLU A 155 22.62 13.49 12.37
N ASN A 156 21.93 13.42 11.23
CA ASN A 156 20.57 13.93 11.20
C ASN A 156 19.63 12.98 11.94
N ILE A 157 19.81 11.67 11.72
CA ILE A 157 19.03 10.68 12.45
C ILE A 157 19.18 10.88 13.95
N ARG A 158 20.43 10.81 14.44
CA ARG A 158 20.69 10.96 15.88
C ARG A 158 20.15 12.28 16.40
N ALA A 159 20.38 13.39 15.67
CA ALA A 159 19.85 14.68 16.11
C ALA A 159 18.33 14.60 16.28
N VAL A 160 17.62 14.25 15.20
CA VAL A 160 16.16 14.15 15.26
C VAL A 160 15.71 13.17 16.34
N ALA A 161 16.43 12.06 16.52
CA ALA A 161 16.00 11.11 17.54
C ALA A 161 16.15 11.69 18.94
N LYS A 162 17.12 12.59 19.14
CA LYS A 162 17.30 13.22 20.45
C LYS A 162 16.26 14.31 20.68
N VAL A 163 16.08 15.21 19.71
CA VAL A 163 15.08 16.27 19.82
C VAL A 163 13.69 15.69 20.01
N LYS A 164 13.44 14.50 19.47
CA LYS A 164 12.16 13.81 19.64
C LYS A 164 12.13 12.88 20.85
N ASP A 165 13.25 12.78 21.58
CA ASP A 165 13.46 11.76 22.60
C ASP A 165 12.85 10.42 22.20
N LEU A 166 13.41 9.79 21.18
CA LEU A 166 13.17 8.40 20.87
C LEU A 166 14.50 7.70 20.69
N SER A 167 14.51 6.39 20.93
CA SER A 167 15.67 5.61 20.55
C SER A 167 15.86 5.66 19.03
N VAL A 168 17.09 5.48 18.59
CA VAL A 168 17.38 5.56 17.16
C VAL A 168 16.88 4.32 16.43
N ARG A 169 16.86 3.16 17.09
CA ARG A 169 16.30 1.96 16.48
C ARG A 169 14.81 2.07 16.23
N ASP A 170 14.15 3.08 16.80
CA ASP A 170 12.74 3.34 16.59
C ASP A 170 12.48 4.43 15.56
N MET A 171 13.53 5.05 15.03
CA MET A 171 13.37 6.01 13.94
C MET A 171 13.06 5.28 12.64
N THR A 172 12.19 5.87 11.84
CA THR A 172 11.89 5.36 10.51
C THR A 172 12.15 6.44 9.47
N VAL A 173 12.94 6.10 8.45
CA VAL A 173 13.34 7.03 7.40
C VAL A 173 12.73 6.57 6.09
N CYS A 174 11.98 7.46 5.45
CA CYS A 174 11.34 7.17 4.18
C CYS A 174 12.31 7.54 3.06
N ILE A 175 12.55 6.61 2.15
CA ILE A 175 13.55 6.79 1.10
C ILE A 175 13.04 6.14 -0.19
N LEU A 176 13.19 6.86 -1.30
CA LEU A 176 12.94 6.27 -2.59
C LEU A 176 13.92 5.14 -2.84
N ASP A 177 13.42 4.03 -3.40
CA ASP A 177 14.24 2.86 -3.69
C ASP A 177 14.87 3.05 -5.06
N ARG A 178 16.07 3.62 -5.08
CA ARG A 178 16.84 3.87 -6.30
C ARG A 178 18.29 3.44 -6.12
N PRO A 179 18.94 2.96 -7.21
CA PRO A 179 20.38 2.62 -7.11
C PRO A 179 21.25 3.76 -6.59
N ARG A 180 20.93 5.01 -6.97
CA ARG A 180 21.68 6.18 -6.55
C ARG A 180 21.57 6.40 -5.04
N HIS A 181 20.79 5.57 -4.35
CA HIS A 181 20.60 5.71 -2.91
C HIS A 181 21.21 4.55 -2.12
N ALA A 182 22.04 3.71 -2.77
CA ALA A 182 22.65 2.57 -2.09
C ALA A 182 23.42 3.00 -0.85
N GLN A 183 24.14 4.12 -0.90
CA GLN A 183 24.88 4.57 0.29
C GLN A 183 23.96 5.21 1.31
N LEU A 184 22.97 5.98 0.86
CA LEU A 184 22.02 6.58 1.80
C LEU A 184 21.29 5.50 2.58
N ILE A 185 20.93 4.43 1.90
CA ILE A 185 20.20 3.34 2.55
C ILE A 185 21.11 2.59 3.51
N HIS A 186 22.33 2.25 3.07
CA HIS A 186 23.27 1.55 3.94
C HIS A 186 23.53 2.35 5.22
N ASP A 187 23.68 3.67 5.09
CA ASP A 187 24.02 4.44 6.27
C ASP A 187 22.87 4.42 7.26
N VAL A 188 21.65 4.60 6.77
CA VAL A 188 20.48 4.61 7.66
C VAL A 188 20.38 3.30 8.41
N ARG A 189 20.55 2.17 7.71
CA ARG A 189 20.53 0.88 8.39
C ARG A 189 21.66 0.79 9.41
N ALA A 190 22.86 1.27 9.03
CA ALA A 190 24.02 1.11 9.90
C ALA A 190 23.86 1.90 11.19
N THR A 191 22.97 2.89 11.25
CA THR A 191 22.66 3.49 12.53
C THR A 191 21.63 2.68 13.31
N GLY A 192 21.02 1.66 12.70
CA GLY A 192 19.99 0.87 13.33
C GLY A 192 18.59 1.38 13.16
N ALA A 193 18.40 2.60 12.63
CA ALA A 193 17.06 3.08 12.33
C ALA A 193 16.43 2.23 11.23
N ARG A 194 15.14 2.42 11.04
CA ARG A 194 14.40 1.67 10.03
C ARG A 194 14.19 2.50 8.77
N ILE A 195 13.84 1.80 7.71
CA ILE A 195 13.63 2.40 6.40
C ILE A 195 12.23 2.05 5.89
N ARG A 196 11.47 3.06 5.50
CA ARG A 196 10.25 2.87 4.71
C ARG A 196 10.58 3.07 3.24
N LEU A 197 10.77 1.98 2.51
CA LEU A 197 11.17 2.04 1.11
C LEU A 197 9.95 2.32 0.22
N ILE A 198 9.94 3.48 -0.43
CA ILE A 198 8.88 3.83 -1.36
C ILE A 198 9.41 3.77 -2.79
N THR A 199 8.54 3.35 -3.71
CA THR A 199 8.90 3.30 -5.12
C THR A 199 8.61 4.63 -5.82
N ASP A 200 7.68 5.43 -5.30
CA ASP A 200 7.46 6.78 -5.79
C ASP A 200 6.70 7.56 -4.73
N GLY A 201 6.68 8.89 -4.89
CA GLY A 201 5.90 9.74 -4.02
C GLY A 201 6.67 10.53 -2.99
N ASP A 202 7.67 11.27 -3.48
CA ASP A 202 8.37 12.29 -2.70
C ASP A 202 7.43 13.14 -1.88
N VAL A 203 6.39 13.65 -2.53
CA VAL A 203 5.50 14.60 -1.85
C VAL A 203 4.77 13.92 -0.71
N ALA A 204 4.20 12.74 -0.98
CA ALA A 204 3.52 12.01 0.09
C ALA A 204 4.51 11.67 1.20
N GLY A 205 5.75 11.30 0.82
CA GLY A 205 6.73 10.92 1.83
C GLY A 205 7.05 12.06 2.80
N ALA A 206 7.21 13.27 2.27
CA ALA A 206 7.44 14.43 3.14
C ALA A 206 6.25 14.66 4.07
N ILE A 207 5.03 14.64 3.54
CA ILE A 207 3.87 14.88 4.37
C ILE A 207 3.81 13.86 5.50
N SER A 208 4.11 12.60 5.17
CA SER A 208 4.19 11.56 6.17
C SER A 208 5.18 11.91 7.27
N ALA A 209 6.41 12.31 6.89
CA ALA A 209 7.41 12.67 7.91
C ALA A 209 6.94 13.85 8.76
N CYS A 210 6.19 14.78 8.17
CA CYS A 210 5.74 15.94 8.95
C CYS A 210 4.43 15.71 9.69
N ARG A 211 3.72 14.60 9.45
CA ARG A 211 2.44 14.55 10.18
C ARG A 211 2.63 13.87 11.54
N PRO A 212 1.83 14.27 12.56
CA PRO A 212 2.13 13.98 13.97
C PRO A 212 2.76 12.63 14.32
N HIS A 213 1.96 11.58 14.46
CA HIS A 213 2.48 10.24 14.73
C HIS A 213 2.01 9.35 13.58
N SER A 214 2.80 9.32 12.51
CA SER A 214 2.53 8.61 11.29
C SER A 214 3.33 7.34 11.12
N GLY A 215 4.29 7.08 12.01
CA GLY A 215 5.20 5.98 11.80
C GLY A 215 6.37 6.30 10.91
N THR A 216 6.52 7.57 10.53
CA THR A 216 7.62 8.04 9.69
C THR A 216 8.20 9.31 10.30
N ASP A 217 9.48 9.30 10.61
CA ASP A 217 10.11 10.42 11.30
C ASP A 217 10.89 11.35 10.37
N LEU A 218 11.45 10.80 9.29
CA LEU A 218 12.37 11.52 8.41
C LEU A 218 12.15 11.09 6.97
N LEU A 219 12.17 12.07 6.06
CA LEU A 219 12.28 11.82 4.63
C LEU A 219 13.65 12.29 4.14
N ALA A 220 14.34 11.43 3.39
CA ALA A 220 15.71 11.74 3.01
C ALA A 220 15.98 11.20 1.61
N GLY A 221 16.57 12.03 0.77
CA GLY A 221 17.13 11.54 -0.47
C GLY A 221 16.92 12.53 -1.59
N ILE A 222 17.29 12.07 -2.78
CA ILE A 222 17.24 12.87 -4.00
C ILE A 222 15.98 12.53 -4.78
N GLY A 223 15.15 13.54 -5.03
CA GLY A 223 14.10 13.40 -6.03
C GLY A 223 13.91 14.66 -6.85
N GLY A 224 12.73 14.82 -7.43
CA GLY A 224 12.53 15.87 -8.39
C GLY A 224 12.41 17.25 -7.76
N THR A 225 12.87 18.25 -8.52
CA THR A 225 12.75 19.63 -8.08
C THR A 225 11.30 20.08 -7.97
N PRO A 226 10.39 19.77 -8.91
CA PRO A 226 8.97 20.13 -8.71
C PRO A 226 8.34 19.44 -7.50
N GLU A 227 8.56 18.15 -7.33
CA GLU A 227 8.05 17.45 -6.14
C GLU A 227 8.56 18.11 -4.87
N GLY A 228 9.82 18.56 -4.87
CA GLY A 228 10.35 19.20 -3.68
C GLY A 228 9.69 20.53 -3.40
N ILE A 229 9.39 21.31 -4.45
CA ILE A 229 8.67 22.57 -4.26
C ILE A 229 7.23 22.32 -3.81
N ILE A 230 6.58 21.30 -4.39
CA ILE A 230 5.21 21.01 -3.98
C ILE A 230 5.18 20.54 -2.53
N ALA A 231 6.17 19.73 -2.16
CA ALA A 231 6.31 19.29 -0.77
C ALA A 231 6.51 20.46 0.18
N ALA A 232 7.28 21.47 -0.24
CA ALA A 232 7.52 22.61 0.63
C ALA A 232 6.25 23.43 0.86
N ALA A 233 5.40 23.51 -0.17
CA ALA A 233 4.14 24.23 0.01
C ALA A 233 3.27 23.60 1.09
N ALA A 234 3.18 22.27 1.09
CA ALA A 234 2.45 21.61 2.17
C ALA A 234 3.10 21.86 3.52
N ILE A 235 4.44 21.80 3.57
CA ILE A 235 5.15 21.96 4.83
C ILE A 235 4.98 23.39 5.36
N ARG A 236 4.93 24.39 4.46
CA ARG A 236 4.55 25.73 4.88
C ARG A 236 3.19 25.78 5.56
N CYS A 237 2.31 24.80 5.32
CA CYS A 237 0.96 24.78 5.87
C CYS A 237 0.83 23.92 7.13
N MET A 238 1.28 22.66 7.07
CA MET A 238 1.11 21.73 8.20
C MET A 238 2.22 21.82 9.24
N GLY A 239 3.31 22.54 8.96
CA GLY A 239 4.40 22.66 9.91
C GLY A 239 5.53 21.69 9.62
N GLY A 240 6.72 22.05 10.09
CA GLY A 240 7.87 21.20 9.87
C GLY A 240 8.90 21.92 9.04
N ALA A 241 9.86 21.15 8.54
CA ALA A 241 10.93 21.77 7.76
C ALA A 241 11.43 20.80 6.71
N ILE A 242 11.74 21.35 5.54
CA ILE A 242 12.49 20.67 4.49
C ILE A 242 13.73 21.50 4.20
N GLN A 243 14.85 20.81 3.98
CA GLN A 243 16.07 21.44 3.51
C GLN A 243 16.43 20.80 2.19
N ALA A 244 16.95 21.60 1.26
CA ALA A 244 17.26 21.05 -0.05
C ALA A 244 18.50 21.71 -0.65
N GLN A 245 19.16 20.97 -1.56
CA GLN A 245 20.16 21.52 -2.45
C GLN A 245 19.97 20.92 -3.84
N LEU A 246 20.16 21.76 -4.84
CA LEU A 246 20.08 21.30 -6.22
C LEU A 246 21.13 20.22 -6.47
N ALA A 247 20.85 19.34 -7.42
CA ALA A 247 21.63 18.12 -7.62
C ALA A 247 21.82 17.88 -9.11
N PRO A 248 22.75 18.60 -9.74
CA PRO A 248 23.00 18.42 -11.18
C PRO A 248 23.33 16.97 -11.53
N ARG A 249 22.72 16.48 -12.61
CA ARG A 249 22.92 15.09 -13.02
C ARG A 249 24.22 14.87 -13.79
N ASP A 250 24.91 15.95 -14.17
CA ASP A 250 26.19 15.91 -14.87
C ASP A 250 26.72 17.34 -14.90
N ASP A 251 27.94 17.49 -15.42
CA ASP A 251 28.55 18.81 -15.46
C ASP A 251 27.90 19.73 -16.49
N ALA A 252 27.35 19.17 -17.58
CA ALA A 252 26.57 19.97 -18.53
C ALA A 252 25.44 20.71 -17.82
N GLU A 253 24.58 20.00 -17.07
CA GLU A 253 23.54 20.67 -16.31
C GLU A 253 24.13 21.59 -15.24
N ARG A 254 25.30 21.23 -14.70
CA ARG A 254 25.93 22.05 -13.66
C ARG A 254 26.32 23.42 -14.20
N ARG A 255 26.85 23.46 -15.44
CA ARG A 255 27.06 24.72 -16.15
C ARG A 255 25.77 25.49 -16.31
N LYS A 256 24.76 24.86 -16.93
CA LYS A 256 23.45 25.47 -17.09
C LYS A 256 22.93 26.05 -15.77
N ALA A 257 23.11 25.32 -14.67
CA ALA A 257 22.65 25.82 -13.39
C ALA A 257 23.48 27.02 -12.94
N LEU A 258 24.80 26.98 -13.18
CA LEU A 258 25.66 28.09 -12.76
C LEU A 258 25.49 29.31 -13.65
N GLU A 259 25.47 29.10 -14.98
CA GLU A 259 25.24 30.20 -15.92
C GLU A 259 23.99 30.98 -15.58
N ALA A 260 22.93 30.27 -15.18
CA ALA A 260 21.67 30.91 -14.79
C ALA A 260 21.78 31.67 -13.48
N GLY A 261 22.86 31.49 -12.72
CA GLY A 261 23.10 32.26 -11.53
C GLY A 261 22.72 31.62 -10.20
N TYR A 262 22.69 30.29 -10.12
CA TYR A 262 22.35 29.60 -8.87
C TYR A 262 23.60 29.31 -8.06
N ASP A 263 23.55 29.53 -6.73
CA ASP A 263 24.66 29.22 -5.84
C ASP A 263 24.52 27.77 -5.39
N LEU A 264 25.12 26.86 -6.15
CA LEU A 264 24.89 25.43 -6.01
C LEU A 264 25.24 24.89 -4.62
N ASN A 265 25.71 25.76 -3.72
CA ASN A 265 25.98 25.35 -2.35
C ASN A 265 24.95 25.86 -1.36
N GLN A 266 24.04 26.71 -1.80
CA GLN A 266 23.00 27.18 -0.92
C GLN A 266 22.19 25.99 -0.38
N VAL A 267 21.99 25.97 0.94
CA VAL A 267 20.99 25.09 1.53
C VAL A 267 19.64 25.80 1.40
N LEU A 268 18.84 25.40 0.42
CA LEU A 268 17.50 25.95 0.25
C LEU A 268 16.59 25.44 1.37
N THR A 269 15.78 26.35 1.91
CA THR A 269 14.89 26.05 3.02
C THR A 269 13.45 26.01 2.52
N THR A 270 12.54 25.58 3.40
CA THR A 270 11.13 25.58 3.06
C THR A 270 10.74 26.91 2.42
N GLU A 271 11.05 28.01 3.08
CA GLU A 271 10.63 29.34 2.63
C GLU A 271 11.38 29.82 1.39
N ASP A 272 12.59 29.31 1.13
CA ASP A 272 13.23 29.58 -0.16
C ASP A 272 12.45 28.94 -1.30
N LEU A 273 11.97 27.70 -1.08
CA LEU A 273 11.25 26.98 -2.13
C LEU A 273 9.86 27.57 -2.36
N VAL A 274 9.13 27.84 -1.28
CA VAL A 274 7.86 28.55 -1.38
C VAL A 274 7.85 29.61 -0.28
N SER A 275 8.05 30.87 -0.67
CA SER A 275 7.88 31.98 0.28
C SER A 275 6.46 32.50 0.14
N GLY A 276 6.23 33.76 0.48
CA GLY A 276 4.88 34.24 0.30
C GLY A 276 4.01 34.01 1.51
N GLU A 277 3.13 34.99 1.77
CA GLU A 277 2.33 34.99 2.98
C GLU A 277 1.26 33.90 2.94
N ASN A 278 0.70 33.65 1.76
CA ASN A 278 -0.47 32.80 1.58
C ASN A 278 -0.08 31.57 0.76
N VAL A 279 -0.26 30.40 1.35
CA VAL A 279 0.06 29.13 0.69
C VAL A 279 -1.10 28.18 0.92
N PHE A 280 -1.52 27.52 -0.16
CA PHE A 280 -2.59 26.53 -0.14
C PHE A 280 -2.04 25.20 -0.63
N PHE A 281 -2.38 24.13 0.06
CA PHE A 281 -2.05 22.82 -0.48
C PHE A 281 -3.26 21.91 -0.32
N CYS A 282 -3.53 21.10 -1.33
CA CYS A 282 -4.46 20.00 -1.13
C CYS A 282 -4.11 18.81 -2.02
N ALA A 283 -4.55 17.64 -1.56
CA ALA A 283 -4.26 16.40 -2.27
C ALA A 283 -5.44 15.44 -2.07
N THR A 284 -5.55 14.48 -2.98
CA THR A 284 -6.60 13.47 -2.93
C THR A 284 -5.99 12.16 -3.38
N GLY A 285 -6.36 11.08 -2.70
CA GLY A 285 -5.76 9.79 -3.02
C GLY A 285 -6.29 9.21 -4.33
N VAL A 286 -5.36 8.70 -5.15
CA VAL A 286 -5.72 7.95 -6.35
C VAL A 286 -5.85 6.45 -6.04
N THR A 287 -4.75 5.82 -5.64
CA THR A 287 -4.79 4.50 -5.01
C THR A 287 -4.62 4.65 -3.51
N ASP A 288 -4.91 3.57 -2.77
CA ASP A 288 -4.74 3.55 -1.32
C ASP A 288 -3.31 3.86 -0.93
N GLY A 289 -3.12 4.77 0.01
CA GLY A 289 -1.76 5.11 0.40
C GLY A 289 -1.50 5.34 1.88
N ASP A 290 -0.40 6.01 2.19
CA ASP A 290 0.05 6.21 3.57
C ASP A 290 -0.84 7.17 4.35
N LEU A 291 -1.43 8.16 3.70
CA LEU A 291 -2.36 9.04 4.42
C LEU A 291 -3.75 9.05 3.81
N LEU A 292 -3.87 9.05 2.49
CA LEU A 292 -5.18 9.10 1.85
C LEU A 292 -5.58 7.74 1.31
N LYS A 293 -6.84 7.35 1.55
CA LYS A 293 -7.44 6.28 0.76
C LYS A 293 -7.59 6.72 -0.70
N GLY A 294 -7.50 5.74 -1.61
CA GLY A 294 -7.73 6.00 -3.00
C GLY A 294 -9.22 6.00 -3.32
N VAL A 295 -9.53 6.32 -4.59
CA VAL A 295 -10.91 6.31 -5.03
C VAL A 295 -11.50 4.90 -4.89
N ARG A 296 -12.74 4.84 -4.39
CA ARG A 296 -13.47 3.60 -4.28
C ARG A 296 -14.82 3.74 -4.95
N TYR A 297 -15.28 2.65 -5.53
CA TYR A 297 -16.45 2.69 -6.37
C TYR A 297 -17.57 1.92 -5.68
N TYR A 298 -18.79 2.40 -5.90
CA TYR A 298 -19.99 1.80 -5.32
C TYR A 298 -21.07 1.81 -6.38
N PRO A 299 -22.19 1.13 -6.16
CA PRO A 299 -23.30 1.23 -7.12
C PRO A 299 -23.70 2.67 -7.42
N GLY A 300 -23.96 3.47 -6.39
CA GLY A 300 -24.40 4.84 -6.67
C GLY A 300 -23.33 5.80 -7.16
N GLY A 301 -22.05 5.51 -6.92
CA GLY A 301 -21.02 6.52 -7.12
C GLY A 301 -19.64 6.16 -6.59
N CYS A 302 -18.92 7.13 -6.04
CA CYS A 302 -17.56 6.87 -5.56
C CYS A 302 -17.28 7.75 -4.35
N THR A 303 -16.25 7.36 -3.61
CA THR A 303 -15.74 8.19 -2.53
C THR A 303 -14.31 8.62 -2.83
N THR A 304 -13.97 9.82 -2.37
CA THR A 304 -12.60 10.32 -2.45
C THR A 304 -12.14 10.73 -1.05
N HIS A 305 -10.82 10.66 -0.85
CA HIS A 305 -10.22 11.04 0.42
C HIS A 305 -9.18 12.13 0.18
N SER A 306 -9.30 13.24 0.91
CA SER A 306 -8.52 14.43 0.62
C SER A 306 -8.00 15.11 1.88
N ILE A 307 -6.86 15.78 1.71
CA ILE A 307 -6.30 16.68 2.71
C ILE A 307 -6.22 18.09 2.13
N VAL A 308 -6.62 19.08 2.92
CA VAL A 308 -6.62 20.48 2.51
C VAL A 308 -6.01 21.30 3.65
N MET A 309 -5.04 22.15 3.33
CA MET A 309 -4.40 22.92 4.37
C MET A 309 -4.06 24.32 3.85
N ARG A 310 -3.82 25.22 4.81
CA ARG A 310 -3.62 26.65 4.55
C ARG A 310 -2.60 27.22 5.52
N SER A 311 -1.57 27.91 5.00
CA SER A 311 -0.52 28.49 5.84
C SER A 311 -1.06 29.57 6.80
N LYS A 312 -1.91 30.48 6.31
CA LYS A 312 -2.30 31.63 7.12
C LYS A 312 -3.05 31.21 8.39
N SER A 313 -4.04 30.34 8.24
CA SER A 313 -4.68 29.81 9.44
C SER A 313 -3.89 28.67 10.07
N GLY A 314 -3.23 27.84 9.26
CA GLY A 314 -2.70 26.60 9.77
C GLY A 314 -3.73 25.51 9.95
N THR A 315 -4.98 25.73 9.49
CA THR A 315 -6.02 24.72 9.61
C THR A 315 -5.76 23.61 8.61
N VAL A 316 -5.92 22.36 9.07
CA VAL A 316 -5.81 21.18 8.23
C VAL A 316 -7.15 20.44 8.26
N ARG A 317 -7.73 20.20 7.09
CA ARG A 317 -8.99 19.46 6.99
C ARG A 317 -8.76 18.15 6.25
N MET A 318 -9.24 17.06 6.85
CA MET A 318 -9.39 15.78 6.16
C MET A 318 -10.80 15.73 5.59
N ILE A 319 -10.93 15.44 4.30
CA ILE A 319 -12.23 15.50 3.65
C ILE A 319 -12.52 14.18 2.95
N GLU A 320 -13.56 13.49 3.44
CA GLU A 320 -14.14 12.34 2.76
C GLU A 320 -15.40 12.80 2.01
N ALA A 321 -15.49 12.46 0.74
CA ALA A 321 -16.60 12.91 -0.09
C ALA A 321 -17.21 11.71 -0.78
N TYR A 322 -18.55 11.61 -0.73
CA TYR A 322 -19.31 10.68 -1.56
C TYR A 322 -19.87 11.44 -2.75
N HIS A 323 -19.53 10.98 -3.95
CA HIS A 323 -19.99 11.56 -5.20
C HIS A 323 -21.04 10.63 -5.78
N ARG A 324 -22.30 11.05 -5.77
CA ARG A 324 -23.32 10.23 -6.40
C ARG A 324 -23.26 10.50 -7.90
N LEU A 325 -22.80 9.51 -8.65
CA LEU A 325 -22.72 9.57 -10.10
C LEU A 325 -23.96 8.95 -10.72
N SER A 326 -25.13 9.43 -10.26
CA SER A 326 -26.41 8.79 -10.49
C SER A 326 -27.56 9.68 -10.03
N LYS A 327 -28.73 9.09 -9.86
CA LYS A 327 -29.96 9.76 -9.42
C LYS A 327 -30.11 9.64 -7.90
N LEU A 328 -30.91 10.53 -7.33
CA LEU A 328 -31.15 10.48 -5.89
C LEU A 328 -32.10 9.35 -5.54
N ASN A 329 -31.75 8.61 -4.49
CA ASN A 329 -32.54 7.56 -3.86
C ASN A 329 -32.56 6.25 -4.64
N GLU A 330 -31.56 5.98 -5.49
CA GLU A 330 -31.48 4.70 -6.18
C GLU A 330 -30.90 3.61 -5.26
N GLY B 17 -17.17 -23.91 22.88
CA GLY B 17 -16.60 -24.47 21.67
C GLY B 17 -15.77 -23.47 20.89
N SER B 18 -15.67 -22.27 21.44
CA SER B 18 -14.92 -21.17 20.84
C SER B 18 -13.47 -21.26 21.31
N HIS B 19 -12.55 -20.85 20.44
CA HIS B 19 -11.11 -20.91 20.76
C HIS B 19 -10.45 -19.57 20.43
N MET B 20 -10.98 -18.48 20.99
CA MET B 20 -10.42 -17.16 20.71
C MET B 20 -8.96 -17.07 21.12
N GLU B 21 -8.52 -17.89 22.06
CA GLU B 21 -7.15 -17.84 22.55
C GLU B 21 -6.10 -18.10 21.47
N LEU B 22 -6.50 -18.62 20.30
CA LEU B 22 -5.54 -18.81 19.22
C LEU B 22 -5.07 -17.49 18.63
N VAL B 23 -5.79 -16.39 18.89
CA VAL B 23 -5.32 -15.09 18.46
C VAL B 23 -3.96 -14.78 19.07
N ARG B 24 -3.67 -15.36 20.23
CA ARG B 24 -2.39 -15.09 20.86
C ARG B 24 -1.23 -15.57 20.00
N VAL B 25 -1.46 -16.56 19.14
CA VAL B 25 -0.40 -17.07 18.30
C VAL B 25 -0.01 -16.06 17.22
N THR B 26 -0.99 -15.52 16.50
CA THR B 26 -0.64 -14.49 15.53
C THR B 26 -0.31 -13.17 16.20
N GLU B 27 -0.89 -12.89 17.37
CA GLU B 27 -0.49 -11.70 18.12
C GLU B 27 0.99 -11.77 18.49
N ALA B 28 1.47 -12.96 18.85
CA ALA B 28 2.89 -13.12 19.15
C ALA B 28 3.74 -13.07 17.88
N GLY B 29 3.31 -13.78 16.82
CA GLY B 29 3.99 -13.65 15.55
C GLY B 29 4.15 -12.21 15.13
N ALA B 30 3.06 -11.44 15.18
CA ALA B 30 3.10 -10.08 14.67
C ALA B 30 3.95 -9.17 15.56
N MET B 31 3.88 -9.36 16.88
CA MET B 31 4.71 -8.58 17.80
C MET B 31 6.20 -8.89 17.62
N ALA B 32 6.55 -10.12 17.27
CA ALA B 32 7.93 -10.41 16.89
C ALA B 32 8.25 -9.83 15.52
N ALA B 33 7.44 -10.16 14.50
CA ALA B 33 7.66 -9.60 13.17
C ALA B 33 7.85 -8.09 13.22
N GLY B 34 7.12 -7.41 14.12
CA GLY B 34 7.09 -5.96 14.15
C GLY B 34 8.38 -5.30 14.61
N ARG B 35 9.21 -6.01 15.37
CA ARG B 35 10.47 -5.36 15.72
C ARG B 35 11.47 -5.46 14.58
N TRP B 36 11.06 -6.06 13.45
CA TRP B 36 11.89 -6.23 12.27
C TRP B 36 11.42 -5.45 11.04
N VAL B 37 10.21 -4.87 11.05
CA VAL B 37 9.76 -4.18 9.84
C VAL B 37 10.71 -3.01 9.55
N GLY B 38 11.04 -2.87 8.28
CA GLY B 38 11.82 -1.72 7.86
C GLY B 38 13.31 -1.88 8.05
N ARG B 39 13.79 -3.11 8.21
CA ARG B 39 15.20 -3.39 8.46
C ARG B 39 15.87 -4.16 7.33
N GLY B 40 15.16 -4.47 6.25
CA GLY B 40 15.76 -5.14 5.12
C GLY B 40 16.15 -6.58 5.35
N ASP B 41 15.82 -7.14 6.51
CA ASP B 41 16.25 -8.47 6.92
C ASP B 41 15.02 -9.39 6.87
N LYS B 42 14.77 -9.98 5.69
CA LYS B 42 13.63 -10.86 5.52
C LYS B 42 13.70 -12.07 6.46
N GLU B 43 14.87 -12.65 6.63
CA GLU B 43 14.98 -13.87 7.41
C GLU B 43 15.00 -13.58 8.91
N GLY B 44 15.52 -12.43 9.31
CA GLY B 44 15.45 -12.05 10.71
C GLY B 44 14.03 -11.85 11.21
N GLY B 45 13.13 -11.43 10.32
CA GLY B 45 11.75 -11.19 10.68
C GLY B 45 10.96 -12.48 10.74
N ASP B 46 11.04 -13.25 9.65
CA ASP B 46 10.56 -14.62 9.64
C ASP B 46 10.99 -15.38 10.89
N GLY B 47 12.29 -15.41 11.15
CA GLY B 47 12.79 -16.22 12.26
C GLY B 47 12.19 -15.82 13.58
N ALA B 48 12.18 -14.53 13.89
CA ALA B 48 11.57 -14.08 15.13
C ALA B 48 10.08 -14.46 15.18
N ALA B 49 9.37 -14.32 14.06
CA ALA B 49 7.94 -14.63 14.03
C ALA B 49 7.69 -16.11 14.27
N VAL B 50 8.44 -16.98 13.56
CA VAL B 50 8.34 -18.42 13.76
C VAL B 50 8.62 -18.79 15.21
N ASP B 51 9.69 -18.22 15.77
CA ASP B 51 10.03 -18.42 17.18
C ASP B 51 8.83 -18.22 18.09
N ALA B 52 8.28 -17.01 18.07
CA ALA B 52 7.24 -16.67 19.03
C ALA B 52 5.98 -17.49 18.78
N MET B 53 5.71 -17.79 17.52
CA MET B 53 4.52 -18.59 17.23
C MET B 53 4.69 -20.03 17.70
N ARG B 54 5.89 -20.58 17.55
CA ARG B 54 6.14 -21.93 18.06
C ARG B 54 6.03 -21.97 19.57
N GLU B 55 6.63 -21.00 20.25
CA GLU B 55 6.48 -20.92 21.70
C GLU B 55 5.01 -20.89 22.10
N LEU B 56 4.19 -20.12 21.39
CA LEU B 56 2.83 -19.88 21.86
C LEU B 56 1.86 -21.02 21.49
N VAL B 57 1.96 -21.60 20.30
CA VAL B 57 1.01 -22.66 19.97
C VAL B 57 1.24 -23.87 20.88
N ASN B 58 2.48 -24.12 21.25
CA ASN B 58 2.71 -25.21 22.21
C ASN B 58 2.26 -24.86 23.58
N SER B 59 1.47 -23.79 23.73
CA SER B 59 0.89 -23.45 25.02
C SER B 59 -0.61 -23.19 24.92
N VAL B 60 -1.27 -23.63 23.84
CA VAL B 60 -2.73 -23.64 23.75
C VAL B 60 -3.19 -25.08 23.82
N SER B 61 -4.35 -25.29 24.43
CA SER B 61 -4.80 -26.62 24.84
C SER B 61 -5.59 -27.29 23.72
N MET B 62 -4.86 -27.64 22.66
CA MET B 62 -5.38 -28.51 21.62
C MET B 62 -4.18 -29.02 20.83
N ARG B 63 -4.05 -30.34 20.72
CA ARG B 63 -2.95 -30.96 20.02
C ARG B 63 -3.25 -31.04 18.53
N GLY B 64 -2.31 -30.61 17.70
CA GLY B 64 -2.44 -30.73 16.27
C GLY B 64 -1.13 -31.05 15.61
N VAL B 65 -1.18 -31.23 14.29
CA VAL B 65 0.02 -31.41 13.48
C VAL B 65 0.16 -30.20 12.55
N VAL B 66 1.40 -29.77 12.34
CA VAL B 66 1.64 -28.72 11.36
C VAL B 66 1.54 -29.35 9.97
N VAL B 67 0.56 -28.91 9.20
CA VAL B 67 0.31 -29.47 7.88
C VAL B 67 0.86 -28.52 6.84
N ILE B 68 0.81 -27.22 7.16
CA ILE B 68 1.34 -26.17 6.29
C ILE B 68 2.26 -25.32 7.16
N GLY B 69 3.52 -25.19 6.76
CA GLY B 69 4.47 -24.50 7.61
C GLY B 69 5.70 -23.98 6.91
N GLU B 70 6.87 -24.14 7.54
CA GLU B 70 8.11 -23.55 7.08
C GLU B 70 8.95 -24.50 6.22
N GLY B 71 8.33 -25.40 5.48
CA GLY B 71 9.06 -26.45 4.79
C GLY B 71 9.18 -27.69 5.66
N GLU B 72 10.15 -28.54 5.34
CA GLU B 72 10.30 -29.76 6.13
C GLU B 72 11.61 -29.81 6.87
N LYS B 73 11.66 -30.76 7.83
CA LYS B 73 12.43 -30.66 9.06
C LYS B 73 13.94 -30.67 8.89
N ASP B 74 14.48 -30.97 7.71
CA ASP B 74 15.95 -30.97 7.64
C ASP B 74 16.51 -29.56 7.54
N HIS B 75 15.80 -28.64 6.90
CA HIS B 75 16.19 -27.23 6.94
C HIS B 75 15.00 -26.31 7.23
N ALA B 76 14.14 -26.76 8.14
CA ALA B 76 13.26 -25.88 8.91
C ALA B 76 13.18 -26.50 10.30
N PRO B 77 13.95 -26.01 11.26
CA PRO B 77 13.93 -26.65 12.59
C PRO B 77 12.58 -26.53 13.27
N MET B 78 11.79 -25.53 12.91
CA MET B 78 10.58 -25.19 13.63
C MET B 78 9.42 -25.06 12.66
N LEU B 79 8.25 -25.54 13.10
CA LEU B 79 7.03 -25.48 12.29
C LEU B 79 7.22 -26.18 10.95
N TYR B 80 7.96 -27.29 10.97
CA TYR B 80 8.16 -28.10 9.77
C TYR B 80 6.94 -28.97 9.52
N ASN B 81 6.71 -29.30 8.25
CA ASN B 81 5.52 -30.06 7.89
C ASN B 81 5.53 -31.41 8.58
N GLY B 82 4.63 -31.56 9.56
CA GLY B 82 4.51 -32.77 10.33
C GLY B 82 4.74 -32.60 11.81
N GLU B 83 5.20 -31.43 12.26
CA GLU B 83 5.49 -31.31 13.67
C GLU B 83 4.23 -31.40 14.52
N GLU B 84 4.29 -32.23 15.57
CA GLU B 84 3.32 -32.22 16.65
C GLU B 84 3.43 -30.92 17.44
N VAL B 85 2.32 -30.17 17.55
CA VAL B 85 2.30 -28.92 18.29
C VAL B 85 1.02 -28.83 19.12
N GLY B 86 0.99 -27.84 20.00
CA GLY B 86 -0.06 -27.71 20.98
C GLY B 86 0.37 -28.24 22.34
N ASN B 87 -0.47 -27.97 23.34
CA ASN B 87 -0.19 -28.39 24.70
C ASN B 87 -0.90 -29.70 25.02
N GLY B 88 -2.11 -29.61 25.57
CA GLY B 88 -2.83 -30.80 26.00
C GLY B 88 -3.53 -31.44 24.83
N ASP B 89 -3.32 -32.75 24.67
CA ASP B 89 -3.98 -33.48 23.60
C ASP B 89 -5.48 -33.41 23.75
N GLY B 90 -6.08 -32.31 23.28
CA GLY B 90 -7.51 -32.25 23.10
C GLY B 90 -7.89 -33.14 21.93
N PRO B 91 -8.70 -32.63 21.01
CA PRO B 91 -8.86 -33.30 19.72
C PRO B 91 -7.69 -32.94 18.81
N GLU B 92 -7.30 -33.89 17.97
CA GLU B 92 -6.24 -33.65 17.01
C GLU B 92 -6.80 -32.86 15.83
N CYS B 93 -6.05 -31.86 15.37
CA CYS B 93 -6.51 -31.05 14.25
C CYS B 93 -5.32 -30.65 13.39
N ASP B 94 -5.64 -30.14 12.19
CA ASP B 94 -4.63 -29.63 11.28
C ASP B 94 -4.23 -28.21 11.65
N PHE B 95 -2.94 -27.90 11.52
CA PHE B 95 -2.40 -26.57 11.77
C PHE B 95 -1.72 -26.04 10.51
N ALA B 96 -2.11 -24.85 10.09
CA ALA B 96 -1.46 -24.14 9.01
C ALA B 96 -1.06 -22.77 9.54
N VAL B 97 0.23 -22.46 9.44
CA VAL B 97 0.78 -21.21 9.92
C VAL B 97 1.46 -20.51 8.76
N ASP B 98 1.34 -19.18 8.72
CA ASP B 98 2.10 -18.34 7.81
C ASP B 98 2.64 -17.20 8.67
N PRO B 99 3.82 -17.37 9.27
CA PRO B 99 4.27 -16.40 10.29
C PRO B 99 4.31 -14.97 9.81
N ILE B 100 4.64 -14.74 8.54
CA ILE B 100 4.42 -13.45 7.90
C ILE B 100 3.96 -13.71 6.47
N ASP B 101 2.69 -13.39 6.18
CA ASP B 101 2.24 -13.23 4.80
C ASP B 101 2.63 -11.82 4.38
N GLY B 102 3.77 -11.70 3.69
CA GLY B 102 4.30 -10.41 3.30
C GLY B 102 5.66 -10.14 3.89
N THR B 103 6.58 -11.10 3.78
CA THR B 103 7.89 -10.93 4.40
C THR B 103 8.70 -9.83 3.71
N THR B 104 8.66 -9.76 2.38
CA THR B 104 9.33 -8.68 1.67
C THR B 104 8.72 -7.33 2.01
N LEU B 105 7.38 -7.24 1.97
CA LEU B 105 6.69 -6.02 2.41
C LEU B 105 7.11 -5.62 3.82
N MET B 106 7.25 -6.59 4.72
CA MET B 106 7.69 -6.30 6.09
C MET B 106 9.11 -5.73 6.11
N SER B 107 10.04 -6.35 5.37
CA SER B 107 11.42 -5.89 5.38
C SER B 107 11.56 -4.46 4.87
N LYS B 108 10.71 -4.06 3.91
CA LYS B 108 10.79 -2.73 3.29
C LYS B 108 9.83 -1.72 3.90
N GLY B 109 9.16 -2.07 5.00
CA GLY B 109 8.24 -1.13 5.61
C GLY B 109 6.93 -0.93 4.88
N MET B 110 6.59 -1.81 3.96
CA MET B 110 5.42 -1.61 3.14
C MET B 110 4.16 -2.16 3.82
N THR B 111 3.02 -1.81 3.24
CA THR B 111 1.74 -2.17 3.80
C THR B 111 1.45 -3.66 3.59
N ASN B 112 0.47 -4.15 4.34
CA ASN B 112 -0.18 -5.45 4.11
C ASN B 112 0.70 -6.66 4.47
N ALA B 113 1.60 -6.54 5.43
CA ALA B 113 2.18 -7.72 6.03
C ALA B 113 1.27 -8.16 7.16
N ILE B 114 0.83 -9.43 7.14
CA ILE B 114 0.02 -10.03 8.20
C ILE B 114 0.66 -11.34 8.66
N SER B 115 0.33 -11.71 9.89
CA SER B 115 0.75 -12.98 10.47
C SER B 115 -0.49 -13.84 10.64
N VAL B 116 -0.44 -15.09 10.13
CA VAL B 116 -1.63 -15.91 9.90
C VAL B 116 -1.52 -17.30 10.52
N LEU B 117 -2.63 -17.76 11.11
CA LEU B 117 -2.79 -19.12 11.62
C LEU B 117 -4.16 -19.66 11.21
N ALA B 118 -4.19 -20.94 10.82
CA ALA B 118 -5.40 -21.65 10.43
C ALA B 118 -5.40 -23.04 11.05
N VAL B 119 -6.57 -23.49 11.48
CA VAL B 119 -6.71 -24.79 12.16
C VAL B 119 -8.04 -25.44 11.76
N ALA B 120 -7.98 -26.73 11.46
CA ALA B 120 -9.15 -27.48 11.02
C ALA B 120 -9.05 -28.90 11.54
N ASP B 121 -10.20 -29.58 11.62
CA ASP B 121 -10.25 -30.99 12.01
C ASP B 121 -9.10 -31.77 11.38
N ARG B 122 -8.49 -32.67 12.16
CA ARG B 122 -7.36 -33.43 11.66
C ARG B 122 -7.72 -34.13 10.36
N GLY B 123 -6.80 -34.03 9.38
CA GLY B 123 -6.98 -34.67 8.10
C GLY B 123 -7.76 -33.89 7.07
N THR B 124 -8.50 -32.84 7.46
CA THR B 124 -9.39 -32.18 6.51
C THR B 124 -8.72 -31.12 5.63
N MET B 125 -7.44 -30.82 5.83
CA MET B 125 -6.77 -29.85 4.96
C MET B 125 -6.13 -30.55 3.78
N PHE B 126 -6.44 -30.07 2.57
CA PHE B 126 -5.82 -30.49 1.31
C PHE B 126 -4.30 -30.68 1.42
N ASP B 127 -3.70 -31.52 0.57
CA ASP B 127 -2.25 -31.72 0.68
C ASP B 127 -1.50 -30.53 0.08
N PRO B 128 -0.58 -29.91 0.83
CA PRO B 128 0.05 -28.68 0.34
C PRO B 128 1.13 -28.86 -0.72
N SER B 129 1.72 -30.05 -0.88
CA SER B 129 2.75 -30.23 -1.91
C SER B 129 2.37 -31.28 -2.94
N ALA B 130 1.07 -31.56 -3.11
CA ALA B 130 0.60 -32.27 -4.28
C ALA B 130 1.08 -31.59 -5.55
N VAL B 131 0.77 -30.31 -5.69
CA VAL B 131 1.35 -29.45 -6.71
C VAL B 131 1.69 -28.13 -6.03
N PHE B 132 2.72 -27.46 -6.55
CA PHE B 132 3.21 -26.28 -5.86
C PHE B 132 2.32 -25.07 -6.12
N TYR B 133 1.90 -24.86 -7.36
CA TYR B 133 1.03 -23.73 -7.70
C TYR B 133 -0.35 -24.21 -8.15
N MET B 134 -1.36 -23.38 -7.90
CA MET B 134 -2.71 -23.63 -8.39
C MET B 134 -3.33 -22.32 -8.83
N ASN B 135 -4.06 -22.37 -9.95
CA ASN B 135 -4.79 -21.20 -10.41
C ASN B 135 -5.99 -20.95 -9.49
N LYS B 136 -6.28 -19.67 -9.24
CA LYS B 136 -7.27 -19.31 -8.24
C LYS B 136 -8.21 -18.26 -8.78
N ILE B 137 -9.44 -18.30 -8.27
CA ILE B 137 -10.36 -17.19 -8.37
C ILE B 137 -11.14 -17.15 -7.06
N ALA B 138 -11.47 -15.95 -6.59
CA ALA B 138 -12.13 -15.81 -5.29
C ALA B 138 -12.98 -14.54 -5.29
N VAL B 139 -14.13 -14.61 -4.64
CA VAL B 139 -15.07 -13.50 -4.56
C VAL B 139 -15.83 -13.67 -3.25
N GLY B 140 -16.50 -12.62 -2.81
CA GLY B 140 -17.18 -12.64 -1.54
C GLY B 140 -18.59 -13.23 -1.55
N PRO B 141 -19.25 -13.23 -0.39
CA PRO B 141 -20.55 -13.89 -0.26
C PRO B 141 -21.57 -13.48 -1.29
N ASP B 142 -21.53 -12.23 -1.74
CA ASP B 142 -22.65 -11.71 -2.49
C ASP B 142 -22.67 -12.20 -3.94
N ALA B 143 -21.50 -12.55 -4.48
CA ALA B 143 -21.38 -13.00 -5.87
C ALA B 143 -20.74 -14.39 -5.97
N ALA B 144 -20.66 -15.14 -4.87
CA ALA B 144 -19.98 -16.44 -4.93
C ALA B 144 -20.68 -17.38 -5.90
N HIS B 145 -22.02 -17.28 -6.01
CA HIS B 145 -22.83 -18.17 -6.82
C HIS B 145 -22.64 -18.01 -8.34
N VAL B 146 -21.87 -17.03 -8.83
CA VAL B 146 -21.61 -16.92 -10.26
C VAL B 146 -20.21 -17.36 -10.65
N LEU B 147 -19.36 -17.70 -9.69
CA LEU B 147 -17.99 -18.08 -10.00
C LEU B 147 -17.92 -19.30 -10.92
N ASP B 148 -16.92 -19.26 -11.81
CA ASP B 148 -16.67 -20.36 -12.76
C ASP B 148 -15.22 -20.18 -13.25
N ILE B 149 -14.29 -20.80 -12.51
CA ILE B 149 -12.89 -20.73 -12.91
C ILE B 149 -12.63 -21.33 -14.29
N THR B 150 -13.53 -22.17 -14.82
CA THR B 150 -13.30 -22.71 -16.15
C THR B 150 -13.66 -21.73 -17.26
N ALA B 151 -14.50 -20.73 -16.96
CA ALA B 151 -14.86 -19.69 -17.90
C ALA B 151 -13.73 -18.67 -18.00
N PRO B 152 -13.73 -17.83 -19.04
CA PRO B 152 -12.70 -16.78 -19.14
C PRO B 152 -12.86 -15.76 -18.03
N ILE B 153 -11.77 -15.04 -17.74
CA ILE B 153 -11.81 -14.07 -16.65
C ILE B 153 -12.78 -12.95 -16.99
N SER B 154 -13.01 -12.66 -18.26
CA SER B 154 -13.96 -11.60 -18.60
C SER B 154 -15.38 -11.96 -18.14
N GLU B 155 -15.78 -13.24 -18.25
CA GLU B 155 -17.15 -13.61 -17.89
C GLU B 155 -17.36 -13.56 -16.37
N ASN B 156 -16.37 -14.01 -15.60
CA ASN B 156 -16.40 -13.82 -14.15
C ASN B 156 -16.52 -12.33 -13.79
N ILE B 157 -15.67 -11.48 -14.38
CA ILE B 157 -15.74 -10.04 -14.13
C ILE B 157 -17.15 -9.52 -14.38
N ARG B 158 -17.71 -9.76 -15.57
CA ARG B 158 -19.04 -9.23 -15.86
C ARG B 158 -20.11 -9.85 -14.97
N ALA B 159 -20.01 -11.14 -14.69
CA ALA B 159 -20.99 -11.77 -13.82
C ALA B 159 -20.92 -11.18 -12.42
N VAL B 160 -19.72 -11.18 -11.82
CA VAL B 160 -19.52 -10.58 -10.50
C VAL B 160 -20.03 -9.13 -10.49
N ALA B 161 -19.66 -8.35 -11.52
CA ALA B 161 -20.11 -6.96 -11.58
C ALA B 161 -21.63 -6.84 -11.59
N LYS B 162 -22.32 -7.67 -12.38
CA LYS B 162 -23.78 -7.59 -12.41
C LYS B 162 -24.37 -7.82 -11.03
N VAL B 163 -23.98 -8.92 -10.39
CA VAL B 163 -24.45 -9.21 -9.04
C VAL B 163 -24.16 -8.03 -8.12
N LYS B 164 -22.90 -7.60 -8.07
CA LYS B 164 -22.48 -6.48 -7.24
C LYS B 164 -23.10 -5.14 -7.66
N ASP B 165 -23.80 -5.07 -8.79
CA ASP B 165 -24.49 -3.83 -9.17
C ASP B 165 -23.50 -2.72 -9.57
N LEU B 166 -22.33 -3.12 -10.06
CA LEU B 166 -21.28 -2.22 -10.52
C LEU B 166 -21.09 -2.35 -12.02
N SER B 167 -20.66 -1.26 -12.65
CA SER B 167 -20.14 -1.32 -14.00
C SER B 167 -18.87 -2.16 -14.02
N VAL B 168 -18.51 -2.63 -15.22
CA VAL B 168 -17.24 -3.36 -15.32
C VAL B 168 -16.06 -2.46 -14.96
N ARG B 169 -16.12 -1.18 -15.35
CA ARG B 169 -14.99 -0.31 -15.08
C ARG B 169 -14.90 0.11 -13.62
N ASP B 170 -15.95 -0.07 -12.80
CA ASP B 170 -15.83 0.08 -11.35
C ASP B 170 -15.12 -1.09 -10.70
N MET B 171 -15.11 -2.25 -11.35
CA MET B 171 -14.51 -3.46 -10.78
C MET B 171 -13.01 -3.28 -10.59
N THR B 172 -12.49 -3.91 -9.54
CA THR B 172 -11.07 -3.89 -9.19
C THR B 172 -10.63 -5.33 -8.92
N VAL B 173 -9.65 -5.81 -9.69
CA VAL B 173 -9.23 -7.21 -9.67
C VAL B 173 -7.81 -7.31 -9.12
N CYS B 174 -7.64 -8.06 -8.04
CA CYS B 174 -6.32 -8.22 -7.42
C CYS B 174 -5.55 -9.36 -8.10
N ILE B 175 -4.37 -9.04 -8.62
CA ILE B 175 -3.55 -10.00 -9.35
C ILE B 175 -2.10 -9.91 -8.85
N LEU B 176 -1.48 -11.08 -8.62
CA LEU B 176 -0.06 -11.10 -8.34
C LEU B 176 0.74 -10.55 -9.53
N ASP B 177 1.82 -9.82 -9.23
CA ASP B 177 2.72 -9.26 -10.23
C ASP B 177 3.83 -10.26 -10.50
N ARG B 178 3.62 -11.12 -11.48
CA ARG B 178 4.53 -12.17 -11.87
C ARG B 178 4.49 -12.24 -13.40
N PRO B 179 5.63 -12.51 -14.04
CA PRO B 179 5.63 -12.71 -15.50
C PRO B 179 4.51 -13.65 -15.97
N ARG B 180 4.24 -14.73 -15.22
CA ARG B 180 3.24 -15.72 -15.63
C ARG B 180 1.86 -15.13 -15.86
N HIS B 181 1.57 -13.93 -15.34
CA HIS B 181 0.22 -13.37 -15.41
C HIS B 181 0.07 -12.30 -16.49
N ALA B 182 0.96 -12.30 -17.50
CA ALA B 182 0.87 -11.29 -18.54
C ALA B 182 -0.44 -11.43 -19.33
N GLN B 183 -0.81 -12.64 -19.72
CA GLN B 183 -2.06 -12.80 -20.48
C GLN B 183 -3.28 -12.47 -19.61
N LEU B 184 -3.28 -12.91 -18.34
CA LEU B 184 -4.36 -12.60 -17.42
C LEU B 184 -4.57 -11.09 -17.30
N ILE B 185 -3.47 -10.36 -17.06
CA ILE B 185 -3.56 -8.91 -16.97
C ILE B 185 -4.14 -8.31 -18.26
N HIS B 186 -3.61 -8.72 -19.42
CA HIS B 186 -4.14 -8.26 -20.70
C HIS B 186 -5.64 -8.51 -20.79
N ASP B 187 -6.08 -9.72 -20.43
CA ASP B 187 -7.51 -10.01 -20.58
C ASP B 187 -8.35 -9.26 -19.54
N VAL B 188 -7.81 -9.04 -18.33
CA VAL B 188 -8.53 -8.21 -17.38
C VAL B 188 -8.60 -6.77 -17.88
N ARG B 189 -7.46 -6.22 -18.31
CA ARG B 189 -7.43 -4.87 -18.84
C ARG B 189 -8.39 -4.73 -20.02
N ALA B 190 -8.39 -5.72 -20.92
CA ALA B 190 -9.22 -5.65 -22.12
C ALA B 190 -10.70 -5.50 -21.80
N THR B 191 -11.14 -5.91 -20.61
CA THR B 191 -12.55 -5.85 -20.30
C THR B 191 -12.97 -4.46 -19.83
N GLY B 192 -12.03 -3.64 -19.36
CA GLY B 192 -12.31 -2.34 -18.78
C GLY B 192 -12.10 -2.23 -17.28
N ALA B 193 -11.86 -3.33 -16.57
CA ALA B 193 -11.68 -3.30 -15.13
C ALA B 193 -10.33 -2.72 -14.72
N ARG B 194 -10.29 -2.17 -13.51
CA ARG B 194 -9.07 -1.80 -12.82
C ARG B 194 -8.37 -3.03 -12.28
N ILE B 195 -7.08 -2.89 -11.98
CA ILE B 195 -6.30 -3.99 -11.40
C ILE B 195 -5.60 -3.45 -10.17
N ARG B 196 -5.46 -4.30 -9.16
CA ARG B 196 -4.62 -4.04 -8.00
C ARG B 196 -3.52 -5.10 -8.03
N LEU B 197 -2.36 -4.72 -8.57
CA LEU B 197 -1.22 -5.63 -8.62
C LEU B 197 -0.57 -5.70 -7.24
N ILE B 198 -0.29 -6.91 -6.78
CA ILE B 198 0.41 -7.12 -5.52
C ILE B 198 1.71 -7.86 -5.81
N THR B 199 2.76 -7.53 -5.06
CA THR B 199 4.03 -8.19 -5.28
C THR B 199 4.08 -9.54 -4.58
N ASP B 200 3.58 -9.61 -3.36
CA ASP B 200 3.17 -10.87 -2.75
C ASP B 200 2.06 -10.54 -1.75
N GLY B 201 1.56 -11.58 -1.09
CA GLY B 201 0.47 -11.40 -0.15
C GLY B 201 -0.79 -12.06 -0.66
N ASP B 202 -0.63 -13.31 -1.14
CA ASP B 202 -1.73 -14.03 -1.77
C ASP B 202 -2.91 -14.23 -0.83
N VAL B 203 -2.62 -14.46 0.45
CA VAL B 203 -3.69 -14.69 1.43
C VAL B 203 -4.52 -13.41 1.63
N ALA B 204 -3.85 -12.33 2.05
CA ALA B 204 -4.55 -11.08 2.32
C ALA B 204 -5.35 -10.62 1.11
N GLY B 205 -4.80 -10.82 -0.10
CA GLY B 205 -5.57 -10.54 -1.31
C GLY B 205 -6.93 -11.21 -1.30
N ALA B 206 -6.95 -12.53 -1.06
CA ALA B 206 -8.21 -13.28 -1.13
C ALA B 206 -9.18 -12.86 -0.04
N ILE B 207 -8.67 -12.52 1.13
CA ILE B 207 -9.57 -12.07 2.20
C ILE B 207 -10.22 -10.74 1.83
N SER B 208 -9.43 -9.83 1.24
CA SER B 208 -9.93 -8.57 0.72
C SER B 208 -11.10 -8.77 -0.25
N ALA B 209 -10.94 -9.72 -1.19
CA ALA B 209 -12.01 -10.02 -2.13
C ALA B 209 -13.33 -10.31 -1.45
N CYS B 210 -13.28 -10.86 -0.23
CA CYS B 210 -14.49 -11.33 0.45
C CYS B 210 -14.99 -10.36 1.50
N ARG B 211 -14.31 -9.25 1.70
CA ARG B 211 -14.79 -8.17 2.55
C ARG B 211 -15.55 -7.15 1.72
N PRO B 212 -16.66 -6.61 2.27
CA PRO B 212 -17.48 -5.65 1.51
C PRO B 212 -16.70 -4.43 1.05
N HIS B 213 -16.65 -3.36 1.84
CA HIS B 213 -16.12 -2.08 1.35
C HIS B 213 -14.60 -2.07 1.43
N SER B 214 -13.98 -2.97 0.64
CA SER B 214 -12.54 -3.19 0.77
C SER B 214 -11.71 -2.66 -0.39
N GLY B 215 -12.31 -2.49 -1.56
CA GLY B 215 -11.58 -2.03 -2.71
C GLY B 215 -11.22 -3.12 -3.70
N THR B 216 -11.30 -4.40 -3.30
CA THR B 216 -11.01 -5.54 -4.15
C THR B 216 -12.28 -6.34 -4.34
N ASP B 217 -12.74 -6.45 -5.59
CA ASP B 217 -13.96 -7.19 -5.87
C ASP B 217 -13.72 -8.63 -6.26
N LEU B 218 -12.52 -8.96 -6.73
CA LEU B 218 -12.18 -10.26 -7.27
C LEU B 218 -10.69 -10.48 -7.08
N LEU B 219 -10.30 -11.71 -6.77
CA LEU B 219 -8.92 -12.13 -6.81
C LEU B 219 -8.76 -13.20 -7.89
N ALA B 220 -7.66 -13.12 -8.64
CA ALA B 220 -7.43 -14.10 -9.71
C ALA B 220 -5.95 -14.28 -9.97
N GLY B 221 -5.59 -15.49 -10.35
CA GLY B 221 -4.24 -15.79 -10.79
C GLY B 221 -3.71 -17.04 -10.13
N ILE B 222 -2.54 -17.45 -10.61
CA ILE B 222 -1.83 -18.62 -10.09
C ILE B 222 -1.01 -18.19 -8.88
N GLY B 223 -1.28 -18.80 -7.74
CA GLY B 223 -0.44 -18.61 -6.57
C GLY B 223 -0.03 -19.92 -5.94
N GLY B 224 0.59 -19.86 -4.77
CA GLY B 224 1.01 -21.09 -4.11
C GLY B 224 -0.16 -21.89 -3.57
N THR B 225 0.04 -23.20 -3.45
CA THR B 225 -1.00 -24.09 -2.97
C THR B 225 -1.20 -23.92 -1.46
N PRO B 226 -0.15 -23.80 -0.64
CA PRO B 226 -0.40 -23.51 0.77
C PRO B 226 -1.21 -22.24 0.98
N GLU B 227 -0.86 -21.15 0.30
CA GLU B 227 -1.61 -19.92 0.46
C GLU B 227 -3.06 -20.10 0.05
N GLY B 228 -3.31 -20.88 -1.01
CA GLY B 228 -4.68 -21.16 -1.40
C GLY B 228 -5.45 -21.89 -0.33
N ILE B 229 -4.79 -22.81 0.37
CA ILE B 229 -5.45 -23.56 1.43
C ILE B 229 -5.73 -22.65 2.63
N ILE B 230 -4.73 -21.86 3.05
CA ILE B 230 -4.96 -20.91 4.14
C ILE B 230 -6.11 -19.98 3.79
N ALA B 231 -6.17 -19.53 2.53
CA ALA B 231 -7.25 -18.64 2.11
C ALA B 231 -8.60 -19.31 2.24
N ALA B 232 -8.69 -20.59 1.83
CA ALA B 232 -9.96 -21.29 1.88
C ALA B 232 -10.48 -21.41 3.31
N ALA B 233 -9.57 -21.67 4.26
CA ALA B 233 -9.93 -21.68 5.68
C ALA B 233 -10.65 -20.40 6.07
N ALA B 234 -10.01 -19.25 5.80
CA ALA B 234 -10.62 -17.96 6.07
C ALA B 234 -12.02 -17.91 5.48
N ILE B 235 -12.13 -18.19 4.19
CA ILE B 235 -13.41 -18.09 3.47
C ILE B 235 -14.47 -19.02 4.09
N ARG B 236 -14.06 -20.24 4.48
CA ARG B 236 -14.98 -21.13 5.20
C ARG B 236 -15.67 -20.40 6.34
N CYS B 237 -14.95 -19.54 7.04
CA CYS B 237 -15.52 -18.88 8.20
C CYS B 237 -16.27 -17.60 7.83
N MET B 238 -15.72 -16.78 6.96
CA MET B 238 -16.38 -15.50 6.73
C MET B 238 -17.38 -15.51 5.57
N GLY B 239 -17.38 -16.51 4.71
CA GLY B 239 -18.28 -16.47 3.59
C GLY B 239 -17.58 -16.11 2.30
N GLY B 240 -18.23 -16.43 1.20
CA GLY B 240 -17.64 -16.27 -0.11
C GLY B 240 -17.17 -17.61 -0.64
N ALA B 241 -16.38 -17.53 -1.71
CA ALA B 241 -16.00 -18.76 -2.40
C ALA B 241 -14.67 -18.53 -3.09
N ILE B 242 -13.82 -19.54 -3.03
CA ILE B 242 -12.63 -19.62 -3.86
C ILE B 242 -12.72 -20.92 -4.66
N GLN B 243 -12.35 -20.85 -5.94
CA GLN B 243 -12.24 -22.02 -6.79
C GLN B 243 -10.78 -22.15 -7.24
N ALA B 244 -10.32 -23.39 -7.39
CA ALA B 244 -8.94 -23.57 -7.82
C ALA B 244 -8.82 -24.81 -8.69
N GLN B 245 -7.74 -24.84 -9.47
CA GLN B 245 -7.32 -26.03 -10.19
C GLN B 245 -5.81 -26.12 -10.12
N LEU B 246 -5.32 -27.33 -9.90
CA LEU B 246 -3.88 -27.51 -9.83
C LEU B 246 -3.24 -27.11 -11.15
N ALA B 247 -2.03 -26.57 -11.04
CA ALA B 247 -1.27 -26.04 -12.18
C ALA B 247 0.16 -26.53 -12.05
N PRO B 248 0.43 -27.76 -12.46
CA PRO B 248 1.79 -28.29 -12.38
C PRO B 248 2.79 -27.44 -13.16
N ARG B 249 3.99 -27.30 -12.59
CA ARG B 249 5.09 -26.53 -13.15
C ARG B 249 5.43 -27.07 -14.54
N ASP B 250 6.04 -28.25 -14.61
CA ASP B 250 6.52 -28.84 -15.86
C ASP B 250 5.95 -30.25 -16.04
N ASP B 251 6.72 -31.05 -16.77
CA ASP B 251 6.27 -32.38 -17.14
C ASP B 251 6.45 -33.39 -16.00
N ALA B 252 7.52 -33.29 -15.22
CA ALA B 252 7.66 -34.15 -14.04
C ALA B 252 6.48 -33.98 -13.08
N GLU B 253 6.15 -32.73 -12.74
CA GLU B 253 5.12 -32.49 -11.72
C GLU B 253 3.74 -32.98 -12.20
N ARG B 254 3.42 -32.74 -13.47
CA ARG B 254 2.15 -33.19 -14.03
C ARG B 254 2.02 -34.71 -13.98
N ARG B 255 3.15 -35.42 -14.08
CA ARG B 255 3.13 -36.86 -13.84
C ARG B 255 2.95 -37.15 -12.34
N LYS B 256 3.70 -36.46 -11.49
CA LYS B 256 3.61 -36.66 -10.05
C LYS B 256 2.18 -36.55 -9.54
N ALA B 257 1.35 -35.73 -10.18
CA ALA B 257 -0.01 -35.48 -9.72
C ALA B 257 -1.03 -36.43 -10.35
N LEU B 258 -0.88 -36.72 -11.65
CA LEU B 258 -1.77 -37.67 -12.32
C LEU B 258 -1.65 -39.06 -11.69
N GLU B 259 -0.42 -39.55 -11.55
CA GLU B 259 -0.16 -40.78 -10.78
C GLU B 259 -0.06 -40.50 -9.29
N ALA B 260 -0.89 -39.58 -8.79
CA ALA B 260 -1.15 -39.44 -7.37
C ALA B 260 -2.62 -39.60 -7.03
N GLY B 261 -3.52 -39.46 -8.02
CA GLY B 261 -4.94 -39.63 -7.80
C GLY B 261 -5.80 -38.44 -8.20
N TYR B 262 -5.18 -37.35 -8.66
CA TYR B 262 -5.89 -36.08 -8.88
C TYR B 262 -6.36 -35.97 -10.32
N ASP B 263 -7.63 -35.62 -10.49
CA ASP B 263 -8.17 -35.26 -11.81
C ASP B 263 -7.75 -33.82 -12.12
N LEU B 264 -6.91 -33.64 -13.13
CA LEU B 264 -6.43 -32.30 -13.45
C LEU B 264 -7.54 -31.41 -14.00
N ASN B 265 -8.57 -31.99 -14.60
CA ASN B 265 -9.75 -31.23 -15.03
C ASN B 265 -10.58 -30.72 -13.87
N GLN B 266 -10.22 -31.02 -12.62
CA GLN B 266 -11.14 -30.85 -11.51
C GLN B 266 -11.10 -29.42 -10.96
N VAL B 267 -12.29 -28.85 -10.82
CA VAL B 267 -12.49 -27.61 -10.08
C VAL B 267 -12.52 -27.94 -8.60
N LEU B 268 -11.63 -27.32 -7.82
CA LEU B 268 -11.64 -27.45 -6.36
C LEU B 268 -12.44 -26.30 -5.78
N THR B 269 -13.43 -26.61 -4.94
CA THR B 269 -14.15 -25.55 -4.24
C THR B 269 -13.48 -25.28 -2.89
N THR B 270 -13.97 -24.26 -2.19
CA THR B 270 -13.46 -23.96 -0.86
C THR B 270 -13.39 -25.20 0.01
N GLU B 271 -14.50 -25.95 0.05
CA GLU B 271 -14.63 -27.11 0.92
C GLU B 271 -13.74 -28.28 0.47
N ASP B 272 -13.42 -28.38 -0.83
CA ASP B 272 -12.37 -29.31 -1.24
C ASP B 272 -11.02 -28.92 -0.65
N LEU B 273 -10.76 -27.62 -0.50
CA LEU B 273 -9.45 -27.21 -0.02
C LEU B 273 -9.36 -27.37 1.50
N VAL B 274 -10.41 -26.97 2.23
CA VAL B 274 -10.55 -27.23 3.66
C VAL B 274 -11.96 -27.78 3.87
N SER B 275 -12.06 -29.06 4.24
CA SER B 275 -13.34 -29.76 4.30
C SER B 275 -13.89 -29.95 5.69
N GLY B 276 -13.15 -29.59 6.74
CA GLY B 276 -13.62 -29.81 8.09
C GLY B 276 -14.89 -29.04 8.41
N GLU B 277 -15.62 -29.54 9.41
CA GLU B 277 -16.79 -28.80 9.90
C GLU B 277 -16.40 -27.71 10.88
N ASN B 278 -15.29 -27.89 11.59
CA ASN B 278 -14.76 -26.90 12.53
C ASN B 278 -13.47 -26.32 11.95
N VAL B 279 -13.58 -25.15 11.33
CA VAL B 279 -12.43 -24.39 10.86
C VAL B 279 -12.33 -23.13 11.70
N PHE B 280 -11.11 -22.76 12.04
CA PHE B 280 -10.82 -21.48 12.68
C PHE B 280 -9.73 -20.79 11.89
N PHE B 281 -9.77 -19.47 11.90
CA PHE B 281 -8.77 -18.67 11.19
C PHE B 281 -8.53 -17.41 11.99
N CYS B 282 -7.27 -17.06 12.20
CA CYS B 282 -7.04 -15.71 12.70
C CYS B 282 -5.77 -15.12 12.10
N ALA B 283 -5.70 -13.80 12.13
CA ALA B 283 -4.60 -13.07 11.53
C ALA B 283 -4.39 -11.80 12.33
N THR B 284 -3.14 -11.31 12.33
CA THR B 284 -2.81 -10.10 13.07
C THR B 284 -1.97 -9.22 12.17
N GLY B 285 -2.30 -7.92 12.15
CA GLY B 285 -1.54 -7.01 11.33
C GLY B 285 -0.10 -6.91 11.80
N VAL B 286 0.84 -7.05 10.85
CA VAL B 286 2.26 -6.76 11.08
C VAL B 286 2.55 -5.29 10.73
N THR B 287 2.39 -4.94 9.46
CA THR B 287 2.30 -3.54 9.04
C THR B 287 0.87 -3.23 8.66
N ASP B 288 0.56 -1.92 8.57
CA ASP B 288 -0.78 -1.47 8.22
C ASP B 288 -1.22 -2.08 6.90
N GLY B 289 -2.45 -2.59 6.86
CA GLY B 289 -3.01 -3.19 5.67
C GLY B 289 -4.43 -2.73 5.45
N ASP B 290 -5.02 -3.20 4.35
CA ASP B 290 -6.40 -2.82 4.09
C ASP B 290 -7.39 -3.53 5.00
N LEU B 291 -6.95 -4.45 5.85
CA LEU B 291 -7.84 -5.05 6.84
C LEU B 291 -7.39 -4.83 8.27
N LEU B 292 -6.11 -4.90 8.55
CA LEU B 292 -5.64 -4.83 9.93
C LEU B 292 -4.59 -3.74 10.06
N LYS B 293 -4.67 -2.97 11.13
CA LYS B 293 -3.57 -2.08 11.46
C LYS B 293 -2.36 -2.90 11.90
N GLY B 294 -1.16 -2.35 11.65
CA GLY B 294 0.07 -3.00 12.08
C GLY B 294 0.33 -2.82 13.57
N VAL B 295 1.28 -3.60 14.09
CA VAL B 295 1.62 -3.44 15.50
C VAL B 295 2.26 -2.07 15.68
N ARG B 296 1.86 -1.39 16.73
CA ARG B 296 2.39 -0.07 17.05
C ARG B 296 2.97 -0.14 18.46
N TYR B 297 4.18 0.36 18.60
CA TYR B 297 4.85 0.38 19.89
C TYR B 297 4.83 1.79 20.48
N TYR B 298 4.87 1.83 21.80
CA TYR B 298 5.03 3.03 22.61
C TYR B 298 5.79 2.57 23.86
N PRO B 299 6.10 3.42 24.84
CA PRO B 299 6.91 2.94 25.98
C PRO B 299 6.30 1.78 26.76
N GLY B 300 5.03 1.87 27.16
CA GLY B 300 4.47 0.89 28.09
C GLY B 300 4.25 -0.48 27.50
N GLY B 301 4.01 -0.56 26.20
CA GLY B 301 3.76 -1.83 25.57
C GLY B 301 3.49 -1.68 24.09
N CYS B 302 2.45 -2.34 23.59
CA CYS B 302 2.08 -2.14 22.19
C CYS B 302 0.63 -2.53 21.98
N THR B 303 0.14 -2.20 20.80
CA THR B 303 -1.20 -2.53 20.38
C THR B 303 -1.12 -3.36 19.10
N THR B 304 -1.98 -4.37 19.03
CA THR B 304 -2.12 -5.24 17.87
C THR B 304 -3.55 -5.17 17.39
N HIS B 305 -3.76 -5.49 16.11
CA HIS B 305 -5.09 -5.52 15.50
C HIS B 305 -5.28 -6.87 14.84
N SER B 306 -6.36 -7.59 15.22
CA SER B 306 -6.52 -8.97 14.77
C SER B 306 -7.95 -9.27 14.32
N ILE B 307 -8.05 -10.33 13.51
CA ILE B 307 -9.33 -10.89 13.10
C ILE B 307 -9.36 -12.37 13.49
N VAL B 308 -10.45 -12.79 14.10
CA VAL B 308 -10.61 -14.17 14.58
C VAL B 308 -11.98 -14.63 14.12
N MET B 309 -12.03 -15.77 13.43
CA MET B 309 -13.29 -16.26 12.88
C MET B 309 -13.39 -17.77 13.03
N ARG B 310 -14.63 -18.22 13.09
CA ARG B 310 -14.95 -19.61 13.41
C ARG B 310 -16.07 -20.06 12.47
N SER B 311 -15.81 -21.14 11.73
CA SER B 311 -16.75 -21.57 10.69
C SER B 311 -18.02 -22.15 11.28
N LYS B 312 -17.92 -22.86 12.41
CA LYS B 312 -19.10 -23.46 13.01
C LYS B 312 -20.17 -22.41 13.32
N SER B 313 -19.79 -21.34 14.05
CA SER B 313 -20.76 -20.28 14.35
C SER B 313 -20.88 -19.24 13.23
N GLY B 314 -19.86 -19.10 12.37
CA GLY B 314 -19.86 -17.97 11.46
C GLY B 314 -19.58 -16.63 12.12
N THR B 315 -19.12 -16.64 13.38
CA THR B 315 -18.79 -15.41 14.09
C THR B 315 -17.43 -14.87 13.66
N VAL B 316 -17.36 -13.57 13.47
CA VAL B 316 -16.15 -12.87 13.07
C VAL B 316 -15.87 -11.80 14.11
N ARG B 317 -14.65 -11.78 14.64
CA ARG B 317 -14.31 -10.87 15.72
C ARG B 317 -13.12 -10.03 15.28
N MET B 318 -13.26 -8.72 15.39
CA MET B 318 -12.15 -7.80 15.25
C MET B 318 -11.67 -7.52 16.66
N ILE B 319 -10.38 -7.72 16.90
CA ILE B 319 -9.83 -7.66 18.24
C ILE B 319 -8.66 -6.69 18.25
N GLU B 320 -8.83 -5.61 18.98
CA GLU B 320 -7.78 -4.61 19.18
C GLU B 320 -7.23 -4.81 20.58
N ALA B 321 -5.96 -5.17 20.70
CA ALA B 321 -5.37 -5.53 21.98
C ALA B 321 -4.33 -4.51 22.42
N TYR B 322 -4.39 -4.11 23.68
CA TYR B 322 -3.41 -3.20 24.26
C TYR B 322 -2.58 -4.00 25.27
N HIS B 323 -1.34 -4.31 24.91
CA HIS B 323 -0.47 -5.15 25.74
C HIS B 323 0.40 -4.28 26.64
N ARG B 324 0.49 -4.63 27.92
CA ARG B 324 1.18 -3.73 28.85
C ARG B 324 2.54 -4.22 29.32
#